data_7A00
#
_entry.id   7A00
#
_cell.length_a   44.180
_cell.length_b   66.470
_cell.length_c   88.580
_cell.angle_alpha   90.000
_cell.angle_beta   90.000
_cell.angle_gamma   90.000
#
_symmetry.space_group_name_H-M   'P 21 21 21'
#
loop_
_entity.id
_entity.type
_entity.pdbx_description
1 polymer 'SH3 and multiple ankyrin repeat domains protein 1'
2 polymer 'L6F mutant of C-terminal hexapeptide from Guanylate kinase-associated protein'
3 water water
#
loop_
_entity_poly.entity_id
_entity_poly.type
_entity_poly.pdbx_seq_one_letter_code
_entity_poly.pdbx_strand_id
1 'polypeptide(L)'
;GPLGSDYIIKEKTVLLQKKDSEGFGFVLRGAKAQTPIEEFTPTPAFPALQYLESVDEGGVAWRAGLRMGDFLIEVNGQNV
VKVGHRQVVNMIRQGGNTLMVKVVMVTRHPDM
;
A,B
2 'polypeptide(L)' (ACE)EAQTRF C,D
#
loop_
_chem_comp.id
_chem_comp.type
_chem_comp.name
_chem_comp.formula
ACE non-polymer 'ACETYL GROUP' 'C2 H4 O'
#
# COMPACT_ATOMS: atom_id res chain seq x y z
N GLY A 1 4.60 14.17 -8.44
CA GLY A 1 4.55 14.53 -9.85
C GLY A 1 3.32 15.33 -10.16
N PRO A 2 3.22 15.85 -11.39
CA PRO A 2 2.07 16.68 -11.74
C PRO A 2 0.74 15.95 -11.68
N LEU A 3 0.72 14.62 -11.82
CA LEU A 3 -0.52 13.87 -11.76
C LEU A 3 -0.80 13.26 -10.39
N GLY A 4 0.11 13.40 -9.43
CA GLY A 4 -0.13 12.82 -8.12
C GLY A 4 1.14 12.70 -7.33
N SER A 5 0.95 12.31 -6.07
CA SER A 5 2.06 12.21 -5.12
C SER A 5 2.96 11.04 -5.47
N ASP A 6 4.26 11.23 -5.29
CA ASP A 6 5.26 10.19 -5.46
C ASP A 6 5.83 9.83 -4.09
N TYR A 7 5.99 8.53 -3.83
CA TYR A 7 6.48 8.05 -2.55
C TYR A 7 7.64 7.09 -2.74
N ILE A 8 8.57 7.13 -1.78
CA ILE A 8 9.59 6.11 -1.61
C ILE A 8 9.14 5.20 -0.49
N ILE A 9 9.12 3.89 -0.77
CA ILE A 9 8.58 2.87 0.13
C ILE A 9 9.69 1.87 0.42
N LYS A 10 10.12 1.78 1.68
CA LYS A 10 11.23 0.91 2.06
C LYS A 10 10.75 -0.08 3.11
N GLU A 11 10.75 -1.37 2.77
CA GLU A 11 10.36 -2.41 3.70
C GLU A 11 11.56 -2.83 4.52
N LYS A 12 11.33 -3.13 5.80
CA LYS A 12 12.39 -3.61 6.67
C LYS A 12 11.84 -4.75 7.51
N THR A 13 12.50 -5.90 7.48
CA THR A 13 12.18 -7.00 8.37
C THR A 13 13.40 -7.26 9.23
N VAL A 14 13.20 -7.29 10.54
CA VAL A 14 14.29 -7.44 11.49
C VAL A 14 13.93 -8.48 12.52
N LEU A 15 14.98 -9.13 13.05
CA LEU A 15 14.87 -10.08 14.15
C LEU A 15 15.46 -9.38 15.36
N LEU A 16 14.62 -9.09 16.36
CA LEU A 16 15.05 -8.47 17.60
C LEU A 16 15.24 -9.53 18.66
N GLN A 17 16.42 -9.55 19.28
N GLN A 17 16.40 -9.52 19.31
CA GLN A 17 16.71 -10.46 20.39
CA GLN A 17 16.71 -10.46 20.39
C GLN A 17 17.24 -9.60 21.53
C GLN A 17 17.27 -9.65 21.55
N LYS A 18 16.44 -9.45 22.58
CA LYS A 18 16.78 -8.60 23.71
C LYS A 18 17.16 -9.44 24.91
N LYS A 19 17.79 -8.78 25.89
CA LYS A 19 18.04 -9.41 27.16
C LYS A 19 16.81 -9.28 28.05
N ASP A 20 16.77 -10.11 29.09
CA ASP A 20 15.63 -10.12 30.00
C ASP A 20 15.39 -8.74 30.59
N SER A 21 16.45 -8.08 31.06
CA SER A 21 16.32 -6.84 31.82
C SER A 21 16.39 -5.60 30.94
N GLU A 22 16.02 -5.70 29.67
CA GLU A 22 15.85 -4.52 28.83
C GLU A 22 14.56 -4.64 28.05
N GLY A 23 14.14 -3.51 27.49
CA GLY A 23 13.08 -3.52 26.51
C GLY A 23 13.66 -3.60 25.12
N PHE A 24 12.75 -3.79 24.16
CA PHE A 24 13.12 -3.67 22.75
C PHE A 24 13.40 -2.22 22.37
N GLY A 25 12.95 -1.27 23.18
CA GLY A 25 13.28 0.12 22.93
C GLY A 25 12.44 0.81 21.88
N PHE A 26 11.12 0.62 21.91
CA PHE A 26 10.24 1.39 21.05
C PHE A 26 8.86 1.53 21.71
N VAL A 27 8.10 2.51 21.22
CA VAL A 27 6.72 2.71 21.64
C VAL A 27 5.84 2.52 20.42
N LEU A 28 4.89 1.61 20.53
CA LEU A 28 3.91 1.36 19.48
C LEU A 28 2.70 2.25 19.72
N ARG A 29 2.22 2.90 18.67
CA ARG A 29 0.98 3.67 18.75
C ARG A 29 0.05 3.28 17.63
N GLY A 30 -1.24 3.16 17.94
CA GLY A 30 -2.22 2.91 16.90
C GLY A 30 -3.60 2.69 17.47
N ALA A 31 -4.50 2.30 16.58
CA ALA A 31 -5.93 2.19 16.87
C ALA A 31 -6.23 0.95 17.72
N LYS A 32 -7.31 1.04 18.50
CA LYS A 32 -7.72 -0.07 19.35
C LYS A 32 -8.64 -1.04 18.62
N GLN A 34 -9.49 0.48 15.10
CA GLN A 34 -10.25 -0.22 14.07
C GLN A 34 -11.73 -0.23 14.45
N THR A 35 -12.58 -0.18 13.42
CA THR A 35 -14.01 -0.30 13.59
C THR A 35 -14.51 -1.48 12.80
N PRO A 36 -15.34 -2.36 13.39
CA PRO A 36 -15.93 -3.45 12.60
C PRO A 36 -16.81 -2.95 11.47
N ILE A 37 -17.24 -1.68 11.50
CA ILE A 37 -18.23 -1.19 10.54
C ILE A 37 -17.62 -1.09 9.14
N GLU A 38 -16.35 -0.72 9.05
CA GLU A 38 -15.70 -0.50 7.77
C GLU A 38 -14.29 -1.09 7.81
N GLU A 39 -13.92 -1.82 6.77
CA GLU A 39 -12.57 -2.36 6.70
C GLU A 39 -11.56 -1.26 6.45
N PHE A 40 -10.42 -1.37 7.11
CA PHE A 40 -9.31 -0.45 6.84
C PHE A 40 -8.72 -0.76 5.46
N THR A 41 -8.56 0.27 4.63
CA THR A 41 -7.90 0.10 3.33
C THR A 41 -6.54 0.78 3.37
N PRO A 42 -5.44 0.04 3.33
CA PRO A 42 -4.12 0.69 3.37
C PRO A 42 -3.90 1.57 2.16
N THR A 43 -3.12 2.62 2.36
CA THR A 43 -2.66 3.52 1.32
C THR A 43 -1.18 3.79 1.56
N PRO A 44 -0.46 4.24 0.54
CA PRO A 44 0.97 4.56 0.76
C PRO A 44 1.19 5.52 1.92
N ALA A 45 0.32 6.52 2.08
CA ALA A 45 0.48 7.49 3.16
C ALA A 45 0.11 6.92 4.52
N PHE A 46 -0.80 5.94 4.55
CA PHE A 46 -1.33 5.39 5.80
C PHE A 46 -1.40 3.88 5.64
N PRO A 47 -0.25 3.19 5.70
CA PRO A 47 -0.23 1.78 5.28
C PRO A 47 -0.65 0.75 6.32
N ALA A 48 -0.77 1.13 7.59
CA ALA A 48 -1.10 0.17 8.63
C ALA A 48 -1.64 0.91 9.83
N LEU A 49 -2.36 0.19 10.70
CA LEU A 49 -2.99 0.80 11.86
C LEU A 49 -2.03 1.12 12.99
N GLN A 50 -0.93 0.37 13.13
CA GLN A 50 0.03 0.58 14.19
C GLN A 50 1.36 1.06 13.62
N TYR A 51 2.04 1.92 14.37
CA TYR A 51 3.34 2.43 13.94
C TYR A 51 4.21 2.71 15.16
N LEU A 52 5.49 2.99 14.89
CA LEU A 52 6.47 3.26 15.93
C LEU A 52 6.39 4.74 16.26
N GLU A 53 5.77 5.05 17.41
CA GLU A 53 5.69 6.44 17.86
C GLU A 53 7.08 6.99 18.18
N SER A 54 7.97 6.13 18.66
CA SER A 54 9.30 6.54 19.04
C SER A 54 10.16 5.29 19.06
N VAL A 55 11.46 5.49 18.85
CA VAL A 55 12.44 4.42 18.94
C VAL A 55 13.62 4.94 19.75
N ASP A 56 13.98 4.20 20.82
CA ASP A 56 15.09 4.61 21.68
C ASP A 56 16.39 4.54 20.91
N GLU A 57 17.05 5.69 20.74
CA GLU A 57 18.33 5.68 20.05
C GLU A 57 19.30 4.76 20.77
N GLY A 58 19.99 3.90 20.02
CA GLY A 58 20.90 2.93 20.58
C GLY A 58 20.25 1.71 21.21
N GLY A 59 18.93 1.69 21.38
CA GLY A 59 18.26 0.51 21.91
C GLY A 59 18.23 -0.63 20.90
N VAL A 60 17.58 -1.71 21.30
CA VAL A 60 17.60 -2.95 20.49
C VAL A 60 16.96 -2.70 19.13
N ALA A 61 15.74 -2.16 19.11
CA ALA A 61 15.06 -1.88 17.85
C ALA A 61 15.86 -0.93 16.98
N TRP A 62 16.42 0.12 17.58
CA TRP A 62 17.23 1.07 16.82
C TRP A 62 18.42 0.37 16.17
N ARG A 63 19.17 -0.42 16.96
CA ARG A 63 20.34 -1.07 16.40
C ARG A 63 19.99 -1.98 15.23
N ALA A 64 18.79 -2.55 15.22
CA ALA A 64 18.40 -3.41 14.11
C ALA A 64 17.91 -2.65 12.88
N GLY A 65 17.65 -1.35 12.99
CA GLY A 65 17.23 -0.55 11.84
C GLY A 65 15.84 0.06 11.92
N LEU A 66 15.07 -0.18 12.98
CA LEU A 66 13.75 0.40 13.10
C LEU A 66 13.83 1.87 13.50
N ARG A 67 12.89 2.65 12.98
CA ARG A 67 12.92 4.10 13.20
C ARG A 67 11.52 4.61 13.52
N MET A 68 11.48 5.68 14.30
CA MET A 68 10.24 6.42 14.54
C MET A 68 9.55 6.69 13.22
N GLY A 69 8.25 6.38 13.16
CA GLY A 69 7.46 6.59 11.97
C GLY A 69 7.24 5.36 11.13
N ASP A 70 8.03 4.31 11.34
CA ASP A 70 7.82 3.04 10.64
C ASP A 70 6.44 2.48 10.97
N PHE A 71 5.75 2.00 9.93
CA PHE A 71 4.45 1.35 10.12
C PHE A 71 4.62 -0.15 10.23
N LEU A 72 3.85 -0.77 11.13
CA LEU A 72 4.04 -2.19 11.42
C LEU A 72 3.15 -3.02 10.51
N ILE A 73 3.76 -3.95 9.78
CA ILE A 73 3.05 -4.78 8.80
C ILE A 73 2.84 -6.20 9.31
N GLU A 74 3.85 -6.79 9.94
CA GLU A 74 3.79 -8.18 10.41
C GLU A 74 4.49 -8.30 11.75
N VAL A 75 3.99 -9.21 12.57
CA VAL A 75 4.61 -9.58 13.83
C VAL A 75 4.70 -11.09 13.86
N ASN A 76 5.92 -11.63 13.87
CA ASN A 76 6.15 -13.06 14.00
C ASN A 76 5.34 -13.86 12.99
N GLY A 77 5.29 -13.37 11.75
CA GLY A 77 4.63 -14.09 10.69
C GLY A 77 3.13 -13.87 10.58
N GLN A 78 2.56 -13.02 11.42
CA GLN A 78 1.14 -12.69 11.39
C GLN A 78 0.97 -11.27 10.89
N ASN A 79 0.07 -11.07 9.94
CA ASN A 79 -0.14 -9.75 9.38
C ASN A 79 -0.92 -8.91 10.38
N VAL A 80 -0.50 -7.66 10.58
CA VAL A 80 -1.19 -6.80 11.56
C VAL A 80 -1.58 -5.47 10.95
N VAL A 81 -1.59 -5.38 9.62
CA VAL A 81 -1.95 -4.12 8.97
C VAL A 81 -3.29 -3.61 9.49
N LYS A 82 -4.26 -4.49 9.63
CA LYS A 82 -5.62 -4.13 10.00
C LYS A 82 -5.98 -4.58 11.42
N VAL A 83 -5.00 -4.79 12.28
CA VAL A 83 -5.24 -5.36 13.60
C VAL A 83 -5.12 -4.27 14.66
N GLY A 84 -6.03 -4.32 15.67
CA GLY A 84 -6.06 -3.32 16.72
C GLY A 84 -4.92 -3.43 17.72
N HIS A 85 -4.80 -2.39 18.55
CA HIS A 85 -3.58 -2.20 19.35
C HIS A 85 -3.38 -3.33 20.36
N ARG A 86 -4.44 -3.69 21.10
CA ARG A 86 -4.29 -4.67 22.16
C ARG A 86 -3.87 -6.02 21.61
N GLN A 87 -4.46 -6.44 20.49
CA GLN A 87 -4.06 -7.72 19.90
C GLN A 87 -2.61 -7.68 19.43
N VAL A 88 -2.18 -6.57 18.84
CA VAL A 88 -0.79 -6.48 18.39
C VAL A 88 0.15 -6.54 19.58
N VAL A 89 -0.19 -5.83 20.65
CA VAL A 89 0.60 -5.89 21.89
C VAL A 89 0.72 -7.33 22.36
N ASN A 90 -0.40 -8.06 22.39
CA ASN A 90 -0.37 -9.46 22.81
C ASN A 90 0.53 -10.27 21.91
N MET A 91 0.47 -10.03 20.59
CA MET A 91 1.31 -10.78 19.68
C MET A 91 2.78 -10.51 19.93
N ILE A 92 3.14 -9.25 20.16
CA ILE A 92 4.53 -8.90 20.43
C ILE A 92 5.01 -9.57 21.71
N ARG A 93 4.16 -9.62 22.73
CA ARG A 93 4.58 -10.22 23.99
C ARG A 93 4.67 -11.74 23.91
N GLN A 94 4.10 -12.36 22.87
CA GLN A 94 4.10 -13.81 22.78
C GLN A 94 5.52 -14.37 22.69
N GLY A 95 6.40 -13.69 21.95
CA GLY A 95 7.75 -14.15 21.67
C GLY A 95 8.79 -13.92 22.76
N GLY A 96 8.40 -13.27 23.84
CA GLY A 96 9.32 -13.06 24.94
C GLY A 96 10.46 -12.17 24.54
N ASN A 97 11.69 -12.67 24.63
CA ASN A 97 12.86 -11.86 24.27
C ASN A 97 13.14 -11.83 22.77
N THR A 98 12.34 -12.53 21.97
CA THR A 98 12.51 -12.57 20.52
C THR A 98 11.29 -11.96 19.86
N LEU A 99 11.54 -11.08 18.88
CA LEU A 99 10.47 -10.42 18.14
C LEU A 99 10.95 -10.23 16.73
N MET A 100 10.25 -10.80 15.77
CA MET A 100 10.53 -10.55 14.37
C MET A 100 9.39 -9.71 13.82
N VAL A 101 9.71 -8.57 13.21
CA VAL A 101 8.70 -7.67 12.69
C VAL A 101 9.07 -7.24 11.28
N LYS A 102 8.04 -6.98 10.49
CA LYS A 102 8.18 -6.31 9.19
C LYS A 102 7.51 -4.96 9.32
N VAL A 103 8.23 -3.90 8.95
CA VAL A 103 7.69 -2.55 8.97
C VAL A 103 7.94 -1.96 7.60
N VAL A 104 7.28 -0.83 7.33
CA VAL A 104 7.55 -0.09 6.11
C VAL A 104 7.75 1.38 6.45
N MET A 105 8.76 1.98 5.84
CA MET A 105 9.04 3.39 5.99
C MET A 105 8.58 4.07 4.70
N VAL A 106 7.70 5.05 4.82
CA VAL A 106 7.15 5.75 3.66
C VAL A 106 7.64 7.18 3.71
N THR A 107 8.17 7.67 2.59
CA THR A 107 8.56 9.08 2.48
C THR A 107 7.94 9.66 1.22
N ARG A 108 7.15 10.72 1.39
CA ARG A 108 6.55 11.39 0.24
C ARG A 108 7.59 12.34 -0.33
N HIS A 109 7.91 12.16 -1.60
CA HIS A 109 8.89 13.01 -2.25
C HIS A 109 8.21 14.31 -2.68
N PRO A 110 8.49 15.44 -2.00
CA PRO A 110 7.79 16.68 -2.33
C PRO A 110 8.20 17.20 -3.69
N ASP A 111 7.21 17.66 -4.46
CA ASP A 111 7.49 18.18 -5.80
C ASP A 111 8.12 19.56 -5.76
N MET A 112 7.82 20.34 -4.73
CA MET A 112 8.39 21.68 -4.58
C MET A 112 8.82 21.92 -3.12
N GLY B 1 16.69 -2.64 -0.18
CA GLY B 1 17.85 -2.50 0.67
C GLY B 1 18.19 -3.78 1.41
N PRO B 2 19.19 -3.73 2.28
CA PRO B 2 19.59 -4.97 3.00
C PRO B 2 18.51 -5.53 3.91
N LEU B 3 17.55 -4.72 4.35
CA LEU B 3 16.48 -5.22 5.22
C LEU B 3 15.20 -5.56 4.48
N GLY B 4 15.14 -5.30 3.19
CA GLY B 4 13.90 -5.58 2.46
C GLY B 4 13.82 -4.80 1.18
N SER B 5 12.72 -5.05 0.46
CA SER B 5 12.52 -4.48 -0.85
C SER B 5 12.17 -3.00 -0.75
N ASP B 6 12.71 -2.22 -1.67
CA ASP B 6 12.40 -0.79 -1.80
C ASP B 6 11.64 -0.56 -3.09
N TYR B 7 10.74 0.42 -3.05
CA TYR B 7 9.87 0.70 -4.18
C TYR B 7 9.82 2.20 -4.42
N ILE B 8 9.53 2.57 -5.66
CA ILE B 8 9.11 3.92 -6.00
C ILE B 8 7.67 3.82 -6.47
N ILE B 9 6.81 4.62 -5.88
CA ILE B 9 5.38 4.57 -6.10
C ILE B 9 4.95 5.93 -6.61
N LYS B 10 4.35 5.95 -7.82
CA LYS B 10 3.95 7.20 -8.45
C LYS B 10 2.45 7.14 -8.69
N GLU B 11 1.69 7.99 -8.00
CA GLU B 11 0.25 8.06 -8.15
C GLU B 11 -0.09 8.99 -9.30
N LYS B 12 -1.09 8.61 -10.09
CA LYS B 12 -1.55 9.44 -11.20
C LYS B 12 -3.06 9.40 -11.20
N THR B 13 -3.68 10.57 -11.16
CA THR B 13 -5.12 10.69 -11.36
C THR B 13 -5.36 11.47 -12.64
N VAL B 14 -6.16 10.91 -13.54
CA VAL B 14 -6.40 11.49 -14.85
C VAL B 14 -7.89 11.53 -15.14
N LEU B 15 -8.28 12.47 -16.00
CA LEU B 15 -9.64 12.57 -16.49
C LEU B 15 -9.63 12.15 -17.95
N LEU B 16 -10.35 11.08 -18.28
CA LEU B 16 -10.45 10.60 -19.65
C LEU B 16 -11.78 11.07 -20.24
N GLN B 17 -11.70 11.76 -21.37
N GLN B 17 -11.71 11.74 -21.39
CA GLN B 17 -12.88 12.17 -22.13
CA GLN B 17 -12.91 12.17 -22.12
C GLN B 17 -12.71 11.65 -23.54
C GLN B 17 -12.78 11.74 -23.57
N LYS B 18 -13.65 10.84 -24.00
CA LYS B 18 -13.56 10.22 -25.31
C LYS B 18 -14.79 10.55 -26.14
N LYS B 19 -14.65 10.38 -27.45
CA LYS B 19 -15.80 10.50 -28.33
C LYS B 19 -16.61 9.20 -28.29
N ASP B 20 -17.86 9.30 -28.74
CA ASP B 20 -18.74 8.14 -28.78
C ASP B 20 -18.15 6.97 -29.55
N SER B 21 -17.57 7.24 -30.72
CA SER B 21 -17.12 6.21 -31.64
C SER B 21 -15.66 5.82 -31.45
N GLU B 22 -15.10 6.01 -30.27
CA GLU B 22 -13.79 5.48 -29.97
C GLU B 22 -13.84 4.84 -28.60
N GLY B 23 -12.80 4.07 -28.28
CA GLY B 23 -12.60 3.58 -26.95
C GLY B 23 -11.67 4.47 -26.16
N PHE B 24 -11.59 4.19 -24.86
CA PHE B 24 -10.55 4.80 -24.02
C PHE B 24 -9.17 4.27 -24.35
N GLY B 25 -9.09 3.09 -24.97
CA GLY B 25 -7.82 2.55 -25.42
C GLY B 25 -7.00 1.92 -24.33
N PHE B 26 -7.60 1.06 -23.52
CA PHE B 26 -6.83 0.24 -22.59
C PHE B 26 -7.56 -1.07 -22.36
N VAL B 27 -6.81 -2.06 -21.86
CA VAL B 27 -7.37 -3.34 -21.46
C VAL B 27 -7.17 -3.47 -19.96
N LEU B 28 -8.26 -3.69 -19.23
CA LEU B 28 -8.22 -3.89 -17.80
C LEU B 28 -8.17 -5.39 -17.49
N ARG B 29 -7.30 -5.77 -16.56
CA ARG B 29 -7.15 -7.17 -16.17
C ARG B 29 -7.11 -7.28 -14.65
N GLY B 30 -7.79 -8.29 -14.12
CA GLY B 30 -7.68 -8.55 -12.70
C GLY B 30 -8.68 -9.58 -12.21
N ALA B 31 -8.58 -9.86 -10.91
CA ALA B 31 -9.32 -10.95 -10.30
C ALA B 31 -10.82 -10.74 -10.40
N LYS B 32 -11.53 -11.83 -10.70
CA LYS B 32 -12.98 -11.85 -10.55
C LYS B 32 -13.35 -11.92 -9.07
N ALA B 33 -14.59 -11.53 -8.76
CA ALA B 33 -15.07 -11.54 -7.38
C ALA B 33 -15.36 -12.98 -6.96
N GLN B 34 -14.31 -13.70 -6.59
CA GLN B 34 -14.44 -15.08 -6.15
C GLN B 34 -13.43 -15.46 -5.06
N PHE B 40 -7.56 -10.66 0.20
CA PHE B 40 -6.61 -9.75 -0.40
C PHE B 40 -6.29 -8.56 0.50
N THR B 41 -5.01 -8.39 0.80
CA THR B 41 -4.52 -7.18 1.43
C THR B 41 -3.54 -6.50 0.48
N PRO B 42 -3.74 -5.22 0.16
CA PRO B 42 -2.83 -4.54 -0.76
C PRO B 42 -1.42 -4.46 -0.18
N THR B 43 -0.44 -4.59 -1.05
CA THR B 43 0.98 -4.45 -0.72
C THR B 43 1.62 -3.55 -1.75
N PRO B 44 2.80 -2.98 -1.46
CA PRO B 44 3.49 -2.17 -2.46
C PRO B 44 3.65 -2.85 -3.82
N ALA B 45 4.03 -4.14 -3.83
CA ALA B 45 4.22 -4.83 -5.10
C ALA B 45 2.89 -5.16 -5.78
N PHE B 46 1.82 -5.29 -5.00
CA PHE B 46 0.52 -5.73 -5.52
C PHE B 46 -0.56 -4.86 -4.88
N PRO B 47 -0.67 -3.59 -5.29
CA PRO B 47 -1.49 -2.64 -4.53
C PRO B 47 -2.98 -2.68 -4.84
N ALA B 48 -3.43 -3.40 -5.86
CA ALA B 48 -4.84 -3.44 -6.21
C ALA B 48 -5.11 -4.66 -7.08
N LEU B 49 -6.39 -5.05 -7.15
CA LEU B 49 -6.76 -6.26 -7.87
C LEU B 49 -6.76 -6.06 -9.39
N GLN B 50 -7.11 -4.86 -9.87
CA GLN B 50 -7.21 -4.61 -11.29
C GLN B 50 -6.06 -3.72 -11.74
N TYR B 51 -5.61 -3.93 -12.97
CA TYR B 51 -4.48 -3.17 -13.51
C TYR B 51 -4.62 -3.09 -15.01
N LEU B 52 -3.82 -2.20 -15.61
CA LEU B 52 -3.84 -2.00 -17.05
C LEU B 52 -2.96 -3.06 -17.71
N GLU B 53 -3.59 -4.06 -18.32
CA GLU B 53 -2.82 -5.06 -19.05
C GLU B 53 -2.11 -4.46 -20.24
N SER B 54 -2.77 -3.52 -20.92
CA SER B 54 -2.16 -2.86 -22.06
C SER B 54 -2.80 -1.49 -22.19
N VAL B 55 -2.10 -0.61 -22.91
CA VAL B 55 -2.61 0.74 -23.17
C VAL B 55 -2.26 1.07 -24.60
N ASP B 56 -3.27 1.42 -25.41
CA ASP B 56 -3.04 1.76 -26.82
C ASP B 56 -2.21 3.02 -26.94
N GLU B 57 -1.02 2.88 -27.52
CA GLU B 57 -0.15 4.03 -27.71
C GLU B 57 -0.86 5.11 -28.51
N GLY B 58 -0.87 6.33 -28.00
CA GLY B 58 -1.53 7.43 -28.65
C GLY B 58 -3.04 7.47 -28.48
N GLY B 59 -3.65 6.47 -27.85
CA GLY B 59 -5.06 6.51 -27.56
C GLY B 59 -5.37 7.48 -26.42
N VAL B 60 -6.65 7.50 -26.04
CA VAL B 60 -7.10 8.48 -25.04
C VAL B 60 -6.39 8.26 -23.72
N ALA B 61 -6.42 7.02 -23.22
CA ALA B 61 -5.75 6.70 -21.95
C ALA B 61 -4.27 7.05 -22.00
N TRP B 62 -3.58 6.65 -23.07
CA TRP B 62 -2.17 6.99 -23.24
C TRP B 62 -1.94 8.50 -23.16
N ARG B 63 -2.69 9.27 -23.95
CA ARG B 63 -2.47 10.72 -24.00
C ARG B 63 -2.70 11.37 -22.63
N ALA B 64 -3.56 10.78 -21.81
CA ALA B 64 -3.78 11.34 -20.47
C ALA B 64 -2.70 10.94 -19.48
N GLY B 65 -1.88 9.95 -19.79
CA GLY B 65 -0.79 9.57 -18.91
C GLY B 65 -0.89 8.16 -18.35
N LEU B 66 -1.87 7.35 -18.73
CA LEU B 66 -1.95 5.98 -18.24
C LEU B 66 -0.98 5.08 -19.01
N ARG B 67 -0.41 4.10 -18.30
CA ARG B 67 0.57 3.23 -18.92
C ARG B 67 0.30 1.78 -18.54
N MET B 68 0.73 0.87 -19.43
CA MET B 68 0.65 -0.56 -19.14
C MET B 68 1.32 -0.86 -17.80
N GLY B 69 0.65 -1.67 -16.98
CA GLY B 69 1.17 -2.01 -15.67
C GLY B 69 0.66 -1.17 -14.52
N ASP B 70 0.03 -0.01 -14.80
CA ASP B 70 -0.57 0.80 -13.75
C ASP B 70 -1.65 0.00 -13.03
N PHE B 71 -1.69 0.11 -11.70
CA PHE B 71 -2.74 -0.50 -10.88
C PHE B 71 -3.86 0.49 -10.61
N LEU B 72 -5.10 0.03 -10.72
CA LEU B 72 -6.27 0.89 -10.61
C LEU B 72 -6.72 1.01 -9.14
N ILE B 73 -6.66 2.22 -8.60
CA ILE B 73 -6.99 2.49 -7.19
C ILE B 73 -8.43 2.99 -7.04
N GLU B 74 -8.85 3.92 -7.89
CA GLU B 74 -10.16 4.55 -7.79
C GLU B 74 -10.77 4.72 -9.18
N VAL B 75 -12.10 4.61 -9.22
CA VAL B 75 -12.89 4.90 -10.42
C VAL B 75 -13.99 5.88 -10.03
N ASN B 76 -13.93 7.09 -10.59
CA ASN B 76 -14.98 8.11 -10.39
C ASN B 76 -15.28 8.34 -8.91
N GLY B 77 -14.24 8.37 -8.09
CA GLY B 77 -14.39 8.65 -6.68
C GLY B 77 -14.67 7.46 -5.79
N GLN B 78 -14.75 6.26 -6.35
CA GLN B 78 -14.98 5.04 -5.59
C GLN B 78 -13.72 4.21 -5.57
N ASN B 79 -13.38 3.68 -4.39
CA ASN B 79 -12.18 2.87 -4.26
C ASN B 79 -12.42 1.47 -4.81
N VAL B 80 -11.48 0.96 -5.60
CA VAL B 80 -11.64 -0.35 -6.21
C VAL B 80 -10.43 -1.23 -5.94
N VAL B 81 -9.64 -0.86 -4.92
CA VAL B 81 -8.45 -1.65 -4.59
C VAL B 81 -8.80 -3.12 -4.39
N LYS B 82 -9.89 -3.39 -3.67
CA LYS B 82 -10.31 -4.75 -3.36
C LYS B 82 -11.62 -5.12 -4.05
N VAL B 83 -11.84 -4.63 -5.27
CA VAL B 83 -13.11 -4.86 -5.94
C VAL B 83 -12.87 -5.74 -7.17
N GLY B 84 -13.77 -6.70 -7.39
CA GLY B 84 -13.59 -7.66 -8.45
C GLY B 84 -13.86 -7.09 -9.84
N HIS B 85 -13.43 -7.85 -10.84
CA HIS B 85 -13.32 -7.32 -12.20
C HIS B 85 -14.66 -6.81 -12.73
N ARG B 86 -15.73 -7.59 -12.54
CA ARG B 86 -17.02 -7.22 -13.14
C ARG B 86 -17.59 -5.96 -12.50
N GLN B 87 -17.44 -5.81 -11.18
CA GLN B 87 -17.90 -4.58 -10.54
C GLN B 87 -17.11 -3.37 -11.04
N VAL B 88 -15.79 -3.52 -11.21
CA VAL B 88 -15.00 -2.41 -11.70
C VAL B 88 -15.40 -2.06 -13.13
N VAL B 89 -15.65 -3.08 -13.95
CA VAL B 89 -16.11 -2.84 -15.34
C VAL B 89 -17.40 -2.05 -15.34
N ASN B 90 -18.38 -2.49 -14.55
CA ASN B 90 -19.65 -1.77 -14.48
C ASN B 90 -19.45 -0.33 -14.03
N MET B 91 -18.53 -0.11 -13.09
CA MET B 91 -18.28 1.24 -12.61
C MET B 91 -17.69 2.12 -13.71
N ILE B 92 -16.76 1.57 -14.50
CA ILE B 92 -16.17 2.33 -15.61
C ILE B 92 -17.25 2.68 -16.63
N ARG B 93 -18.17 1.75 -16.91
CA ARG B 93 -19.20 1.99 -17.90
C ARG B 93 -20.23 3.00 -17.44
N GLN B 94 -20.42 3.18 -16.13
CA GLN B 94 -21.43 4.11 -15.65
C GLN B 94 -21.17 5.53 -16.13
N GLY B 95 -19.92 5.90 -16.37
CA GLY B 95 -19.60 7.26 -16.75
C GLY B 95 -19.73 7.57 -18.22
N GLY B 96 -19.93 6.55 -19.05
CA GLY B 96 -20.01 6.75 -20.48
C GLY B 96 -18.74 7.26 -21.08
N ASN B 97 -18.79 8.43 -21.72
CA ASN B 97 -17.60 8.98 -22.38
C ASN B 97 -16.62 9.63 -21.43
N THR B 98 -16.94 9.70 -20.14
CA THR B 98 -16.09 10.31 -19.13
C THR B 98 -15.67 9.26 -18.12
N LEU B 99 -14.38 9.23 -17.80
CA LEU B 99 -13.81 8.29 -16.84
C LEU B 99 -12.71 9.00 -16.10
N MET B 100 -12.84 9.12 -14.78
CA MET B 100 -11.78 9.66 -13.94
C MET B 100 -11.25 8.52 -13.08
N VAL B 101 -9.94 8.29 -13.13
CA VAL B 101 -9.33 7.18 -12.42
C VAL B 101 -8.09 7.65 -11.69
N LYS B 102 -7.83 7.01 -10.56
CA LYS B 102 -6.55 7.12 -9.88
C LYS B 102 -5.85 5.78 -10.03
N VAL B 103 -4.62 5.81 -10.55
CA VAL B 103 -3.80 4.62 -10.65
C VAL B 103 -2.51 4.86 -9.88
N VAL B 104 -1.73 3.78 -9.72
CA VAL B 104 -0.39 3.88 -9.18
C VAL B 104 0.56 3.04 -10.04
N MET B 105 1.71 3.61 -10.34
CA MET B 105 2.78 2.92 -11.07
C MET B 105 3.85 2.57 -10.05
N VAL B 106 4.19 1.27 -9.96
CA VAL B 106 5.11 0.76 -8.95
C VAL B 106 6.38 0.31 -9.65
N THR B 107 7.52 0.76 -9.16
CA THR B 107 8.80 0.29 -9.63
C THR B 107 9.53 -0.30 -8.43
N ARG B 108 9.83 -1.59 -8.49
CA ARG B 108 10.54 -2.27 -7.41
C ARG B 108 12.03 -2.24 -7.73
N HIS B 109 12.82 -1.69 -6.81
CA HIS B 109 14.26 -1.66 -7.00
C HIS B 109 14.82 -3.07 -6.86
N PRO B 110 15.84 -3.42 -7.65
CA PRO B 110 16.40 -4.78 -7.55
C PRO B 110 17.09 -4.96 -6.22
N ASP B 111 16.70 -6.01 -5.49
CA ASP B 111 17.43 -6.37 -4.28
C ASP B 111 18.79 -6.96 -4.65
N MET B 112 18.85 -7.70 -5.76
CA MET B 112 20.05 -8.29 -6.37
C MET B 112 21.31 -8.32 -5.51
C ACE C 1 -7.66 5.83 19.78
O ACE C 1 -7.80 4.61 19.72
CH3 ACE C 1 -8.81 6.79 19.82
N GLU C 2 -6.46 6.38 19.81
CA GLU C 2 -5.27 5.53 19.78
C GLU C 2 -4.70 5.28 21.17
N ALA C 3 -4.21 4.07 21.38
CA ALA C 3 -3.46 3.71 22.56
C ALA C 3 -1.97 3.60 22.21
N GLN C 4 -1.14 3.56 23.23
CA GLN C 4 0.28 3.30 22.98
C GLN C 4 0.87 2.46 24.10
N THR C 5 1.91 1.73 23.75
CA THR C 5 2.51 0.73 24.63
C THR C 5 4.01 0.73 24.40
N ARG C 6 4.78 0.83 25.49
CA ARG C 6 6.23 0.78 25.41
C ARG C 6 6.69 -0.67 25.48
N PHE C 7 7.69 -1.00 24.66
CA PHE C 7 8.24 -2.36 24.61
C PHE C 7 9.74 -2.38 24.86
C ACE D 1 -9.33 -15.01 -12.24
O ACE D 1 -10.08 -14.20 -11.67
CH3 ACE D 1 -9.20 -16.43 -11.81
N GLU D 2 -8.59 -14.65 -13.28
CA GLU D 2 -8.64 -13.28 -13.77
C GLU D 2 -9.46 -13.16 -15.06
N ALA D 3 -9.95 -11.95 -15.31
CA ALA D 3 -10.66 -11.64 -16.53
C ALA D 3 -10.04 -10.40 -17.16
N GLN D 4 -10.32 -10.18 -18.43
CA GLN D 4 -9.81 -9.03 -19.15
C GLN D 4 -10.95 -8.37 -19.91
N THR D 5 -10.93 -7.04 -19.96
CA THR D 5 -11.97 -6.28 -20.65
C THR D 5 -11.33 -5.11 -21.36
N ARG D 6 -11.65 -4.93 -22.63
CA ARG D 6 -11.14 -3.80 -23.40
C ARG D 6 -12.11 -2.63 -23.26
N PHE D 7 -11.53 -1.43 -23.11
CA PHE D 7 -12.32 -0.19 -22.98
C PHE D 7 -11.91 0.84 -24.00
#